data_8OHK
#
_entry.id   8OHK
#
_cell.length_a   119.070
_cell.length_b   39.190
_cell.length_c   67.910
_cell.angle_alpha   90.000
_cell.angle_beta   94.950
_cell.angle_gamma   90.000
#
_symmetry.space_group_name_H-M   'C 1 2 1'
#
loop_
_entity.id
_entity.type
_entity.pdbx_description
1 polymer 'Cyclic di-AMP synthase CdaA'
2 non-polymer ~{N},~{N}-diethyl-2-(4-nitrophenoxy)ethanamine
3 non-polymer 'MAGNESIUM ION'
4 water water
#
_entity_poly.entity_id   1
_entity_poly.type   'polypeptide(L)'
_entity_poly.pdbx_seq_one_letter_code
;GPTPVEEAQQKTIEAITKAINYMAKRRIGALLTIERDTGMGDYIETGIPLNAKVSSELLINIFIPNTPLHDGAVIMKNNE
IAAAACYLPLSESPFISKELGTRHRAAVGISEVTDSLTIIVSEETGGVSVAKNGDLHRELTEEALKEMLEAEFK
;
_entity_poly.pdbx_strand_id   A,B
#
# COMPACT_ATOMS: atom_id res chain seq x y z
N VAL A 5 1.98 23.36 -8.52
CA VAL A 5 1.20 23.08 -7.30
C VAL A 5 -0.24 22.77 -7.67
N GLU A 6 -0.79 23.57 -8.58
CA GLU A 6 -2.17 23.34 -9.01
C GLU A 6 -2.32 22.01 -9.75
N GLU A 7 -1.37 21.68 -10.63
CA GLU A 7 -1.42 20.41 -11.35
C GLU A 7 -1.33 19.24 -10.37
N ALA A 8 -0.52 19.39 -9.33
CA ALA A 8 -0.36 18.34 -8.34
C ALA A 8 -1.65 18.15 -7.55
N GLN A 9 -2.32 19.24 -7.19
CA GLN A 9 -3.56 19.12 -6.45
C GLN A 9 -4.63 18.44 -7.29
N GLN A 10 -4.69 18.78 -8.57
CA GLN A 10 -5.68 18.13 -9.43
C GLN A 10 -5.37 16.63 -9.60
N LYS A 11 -4.10 16.27 -9.79
CA LYS A 11 -3.73 14.87 -9.92
C LYS A 11 -4.16 14.10 -8.67
N THR A 12 -3.98 14.71 -7.49
CA THR A 12 -4.35 14.05 -6.25
C THR A 12 -5.87 13.91 -6.12
N ILE A 13 -6.62 14.95 -6.49
CA ILE A 13 -8.08 14.83 -6.47
C ILE A 13 -8.53 13.68 -7.38
N GLU A 14 -7.95 13.59 -8.59
CA GLU A 14 -8.33 12.53 -9.52
C GLU A 14 -7.99 11.14 -8.98
N ALA A 15 -6.82 11.03 -8.35
CA ALA A 15 -6.43 9.75 -7.75
C ALA A 15 -7.42 9.34 -6.66
N ILE A 16 -7.81 10.30 -5.81
CA ILE A 16 -8.75 10.00 -4.75
C ILE A 16 -10.10 9.57 -5.32
N THR A 17 -10.65 10.36 -6.27
CA THR A 17 -11.99 10.03 -6.72
C THR A 17 -12.01 8.69 -7.46
N LYS A 18 -10.93 8.36 -8.17
CA LYS A 18 -10.88 7.05 -8.84
C LYS A 18 -10.90 5.93 -7.82
N ALA A 19 -10.12 6.07 -6.74
CA ALA A 19 -10.13 5.03 -5.72
C ALA A 19 -11.48 4.95 -5.02
N ILE A 20 -12.09 6.11 -4.72
CA ILE A 20 -13.40 6.12 -4.08
C ILE A 20 -14.44 5.44 -4.96
N ASN A 21 -14.42 5.71 -6.27
CA ASN A 21 -15.38 5.08 -7.17
C ASN A 21 -15.22 3.56 -7.18
N TYR A 22 -13.98 3.07 -7.18
CA TYR A 22 -13.72 1.63 -7.17
C TYR A 22 -14.29 1.00 -5.90
N MET A 23 -14.04 1.64 -4.76
CA MET A 23 -14.49 1.10 -3.49
C MET A 23 -15.98 1.22 -3.32
N ALA A 24 -16.57 2.33 -3.76
CA ALA A 24 -18.02 2.46 -3.66
C ALA A 24 -18.72 1.34 -4.44
N LYS A 25 -18.23 1.05 -5.66
N LYS A 25 -18.24 1.04 -5.65
CA LYS A 25 -18.86 0.02 -6.50
CA LYS A 25 -18.89 0.02 -6.48
C LYS A 25 -18.81 -1.36 -5.84
C LYS A 25 -18.81 -1.36 -5.84
N ARG A 26 -17.73 -1.65 -5.12
CA ARG A 26 -17.50 -2.95 -4.49
C ARG A 26 -17.88 -2.97 -3.02
N ARG A 27 -18.41 -1.87 -2.50
CA ARG A 27 -18.80 -1.78 -1.09
C ARG A 27 -17.62 -2.18 -0.18
N ILE A 28 -16.47 -1.58 -0.47
CA ILE A 28 -15.27 -1.71 0.34
C ILE A 28 -15.24 -0.51 1.28
N GLY A 29 -15.29 -0.77 2.58
CA GLY A 29 -15.27 0.32 3.53
C GLY A 29 -13.92 1.05 3.48
N ALA A 30 -13.98 2.37 3.62
CA ALA A 30 -12.77 3.17 3.56
C ALA A 30 -12.95 4.41 4.43
N LEU A 31 -11.80 4.90 4.92
CA LEU A 31 -11.75 6.05 5.81
C LEU A 31 -10.46 6.80 5.50
N LEU A 32 -10.59 8.00 4.93
CA LEU A 32 -9.48 8.76 4.37
C LEU A 32 -9.58 10.20 4.86
N THR A 33 -8.64 10.60 5.71
CA THR A 33 -8.64 11.93 6.30
C THR A 33 -7.53 12.76 5.68
N ILE A 34 -7.86 13.98 5.27
CA ILE A 34 -6.91 14.90 4.65
C ILE A 34 -6.59 16.00 5.66
N GLU A 35 -5.36 16.01 6.16
CA GLU A 35 -4.95 17.05 7.10
C GLU A 35 -4.98 18.40 6.41
N ARG A 36 -5.43 19.43 7.16
CA ARG A 36 -5.47 20.80 6.66
C ARG A 36 -4.58 21.64 7.57
N ASP A 37 -5.10 22.72 8.19
CA ASP A 37 -4.25 23.57 8.99
C ASP A 37 -4.01 23.03 10.39
N THR A 38 -4.96 22.27 10.95
CA THR A 38 -4.75 21.66 12.26
C THR A 38 -3.85 20.42 12.10
N GLY A 39 -2.69 20.43 12.78
CA GLY A 39 -1.78 19.31 12.68
C GLY A 39 -2.39 18.05 13.27
N MET A 40 -2.15 16.94 12.60
CA MET A 40 -2.66 15.66 13.05
C MET A 40 -1.55 14.65 13.33
N GLY A 41 -0.38 15.13 13.69
CA GLY A 41 0.71 14.21 13.95
C GLY A 41 0.42 13.17 15.04
N ASP A 42 -0.32 13.56 16.08
CA ASP A 42 -0.63 12.60 17.15
C ASP A 42 -1.45 11.42 16.63
N TYR A 43 -2.33 11.65 15.66
CA TYR A 43 -3.11 10.56 15.05
C TYR A 43 -2.29 9.79 14.02
N ILE A 44 -1.47 10.48 13.23
CA ILE A 44 -0.60 9.84 12.27
C ILE A 44 0.28 8.81 12.97
N GLU A 45 0.77 9.17 14.16
CA GLU A 45 1.71 8.32 14.89
C GLU A 45 1.10 7.01 15.37
N THR A 46 -0.24 6.92 15.43
CA THR A 46 -0.89 5.70 15.86
C THR A 46 -0.93 4.64 14.75
N GLY A 47 -0.67 5.03 13.51
CA GLY A 47 -0.76 4.11 12.39
C GLY A 47 0.57 3.55 11.95
N ILE A 48 0.52 2.89 10.80
CA ILE A 48 1.72 2.35 10.14
C ILE A 48 2.26 3.44 9.23
N PRO A 49 3.51 3.89 9.41
CA PRO A 49 4.05 4.94 8.55
C PRO A 49 4.20 4.48 7.11
N LEU A 50 3.82 5.34 6.18
CA LEU A 50 4.02 5.12 4.75
C LEU A 50 4.81 6.23 4.09
N ASN A 51 4.40 7.48 4.30
CA ASN A 51 4.99 8.63 3.59
C ASN A 51 5.15 8.35 2.11
N ALA A 52 4.05 7.89 1.51
CA ALA A 52 4.03 7.39 0.16
C ALA A 52 3.39 8.40 -0.79
N LYS A 53 3.79 8.30 -2.05
CA LYS A 53 3.10 9.04 -3.10
C LYS A 53 1.66 8.57 -3.21
N VAL A 54 0.76 9.51 -3.48
CA VAL A 54 -0.63 9.13 -3.69
C VAL A 54 -0.77 8.49 -5.07
N SER A 55 -1.53 7.41 -5.12
CA SER A 55 -2.02 6.86 -6.37
C SER A 55 -3.36 6.21 -6.08
N SER A 56 -4.22 6.13 -7.10
CA SER A 56 -5.47 5.40 -6.89
C SER A 56 -5.19 3.94 -6.53
N GLU A 57 -4.16 3.36 -7.15
CA GLU A 57 -3.83 1.96 -6.93
C GLU A 57 -3.45 1.71 -5.48
N LEU A 58 -2.59 2.56 -4.91
CA LEU A 58 -2.19 2.34 -3.52
C LEU A 58 -3.37 2.53 -2.59
N LEU A 59 -4.20 3.56 -2.81
CA LEU A 59 -5.37 3.74 -1.96
C LEU A 59 -6.27 2.51 -1.99
N ILE A 60 -6.56 1.99 -3.17
CA ILE A 60 -7.38 0.77 -3.26
C ILE A 60 -6.72 -0.39 -2.51
N ASN A 61 -5.42 -0.66 -2.77
CA ASN A 61 -4.76 -1.79 -2.12
C ASN A 61 -4.79 -1.68 -0.61
N ILE A 62 -4.74 -0.46 -0.07
CA ILE A 62 -4.73 -0.28 1.38
C ILE A 62 -6.02 -0.82 2.00
N PHE A 63 -7.16 -0.53 1.38
CA PHE A 63 -8.45 -0.81 1.98
C PHE A 63 -9.04 -2.18 1.63
N ILE A 64 -8.35 -3.01 0.87
CA ILE A 64 -8.93 -4.32 0.56
C ILE A 64 -9.31 -5.05 1.85
N PRO A 65 -10.48 -5.63 1.95
CA PRO A 65 -10.89 -6.27 3.21
C PRO A 65 -9.95 -7.38 3.65
N ASN A 66 -9.86 -7.55 4.98
CA ASN A 66 -9.14 -8.66 5.59
C ASN A 66 -7.64 -8.55 5.35
N THR A 67 -7.12 -7.33 5.24
CA THR A 67 -5.71 -7.11 5.01
C THR A 67 -5.11 -6.34 6.17
N PRO A 68 -3.79 -6.35 6.31
CA PRO A 68 -3.19 -5.64 7.45
C PRO A 68 -3.55 -4.17 7.55
N LEU A 69 -3.68 -3.47 6.43
CA LEU A 69 -3.85 -2.02 6.50
C LEU A 69 -5.29 -1.52 6.43
N HIS A 70 -6.27 -2.40 6.24
CA HIS A 70 -7.62 -1.91 5.85
C HIS A 70 -8.46 -1.31 6.98
N ASP A 71 -8.18 -1.62 8.22
CA ASP A 71 -8.94 -1.07 9.33
C ASP A 71 -8.23 0.18 9.85
N GLY A 72 -8.98 1.18 10.22
CA GLY A 72 -8.40 2.45 10.60
C GLY A 72 -8.34 3.40 9.42
N ALA A 73 -7.83 4.58 9.69
CA ALA A 73 -7.87 5.66 8.73
C ALA A 73 -6.53 5.77 8.02
N VAL A 74 -6.60 6.14 6.74
CA VAL A 74 -5.48 6.70 6.01
C VAL A 74 -5.48 8.18 6.30
N ILE A 75 -4.31 8.75 6.59
CA ILE A 75 -4.19 10.21 6.81
C ILE A 75 -3.21 10.73 5.75
N MET A 76 -3.67 11.69 4.95
CA MET A 76 -2.88 12.34 3.94
C MET A 76 -2.42 13.69 4.45
N LYS A 77 -1.19 14.03 4.13
CA LYS A 77 -0.57 15.27 4.56
C LYS A 77 0.42 15.66 3.49
N ASN A 78 0.43 16.95 3.14
CA ASN A 78 1.41 17.48 2.17
C ASN A 78 1.45 16.66 0.89
N ASN A 79 0.27 16.25 0.42
CA ASN A 79 0.12 15.55 -0.87
C ASN A 79 0.75 14.16 -0.88
N GLU A 80 0.85 13.53 0.28
CA GLU A 80 1.35 12.18 0.43
C GLU A 80 0.43 11.43 1.38
N ILE A 81 0.51 10.10 1.33
CA ILE A 81 -0.16 9.27 2.32
C ILE A 81 0.81 9.12 3.50
N ALA A 82 0.51 9.80 4.61
CA ALA A 82 1.44 9.79 5.74
C ALA A 82 1.43 8.44 6.43
N ALA A 83 0.24 7.88 6.66
CA ALA A 83 0.14 6.62 7.39
C ALA A 83 -1.20 5.98 7.12
N ALA A 84 -1.27 4.66 7.37
CA ALA A 84 -2.51 3.89 7.24
C ALA A 84 -2.82 3.23 8.57
N ALA A 85 -4.05 2.76 8.71
CA ALA A 85 -4.48 2.06 9.92
C ALA A 85 -4.35 2.92 11.17
N CYS A 86 -4.70 4.20 11.05
CA CYS A 86 -4.58 5.14 12.14
C CYS A 86 -5.86 5.18 12.96
N TYR A 87 -5.71 5.48 14.24
CA TYR A 87 -6.82 5.70 15.14
C TYR A 87 -7.35 7.13 14.96
N LEU A 88 -8.66 7.27 14.97
CA LEU A 88 -9.35 8.54 15.05
C LEU A 88 -10.34 8.45 16.19
N PRO A 89 -10.62 9.58 16.85
CA PRO A 89 -11.54 9.57 17.99
C PRO A 89 -12.98 9.41 17.51
N LEU A 90 -13.75 8.61 18.25
CA LEU A 90 -15.15 8.38 17.90
C LEU A 90 -16.02 9.53 18.40
N SER A 91 -16.83 10.09 17.51
CA SER A 91 -17.79 11.12 17.89
C SER A 91 -18.85 10.53 18.81
N GLU A 92 -19.29 11.35 19.78
CA GLU A 92 -20.44 11.06 20.62
C GLU A 92 -21.67 11.87 20.19
N SER A 93 -21.62 12.47 19.01
CA SER A 93 -22.72 13.33 18.56
C SER A 93 -23.99 12.48 18.45
N PRO A 94 -25.10 12.93 19.03
CA PRO A 94 -26.36 12.20 18.89
C PRO A 94 -27.07 12.43 17.56
N PHE A 95 -26.46 13.20 16.65
CA PHE A 95 -27.12 13.62 15.41
C PHE A 95 -26.59 12.90 14.18
N ILE A 96 -25.85 11.86 14.38
CA ILE A 96 -25.38 10.97 13.32
C ILE A 96 -26.43 9.88 13.18
N SER A 97 -26.76 9.57 11.93
CA SER A 97 -27.71 8.51 11.65
C SER A 97 -27.33 7.23 12.38
N LYS A 98 -28.30 6.67 13.08
CA LYS A 98 -28.02 5.50 13.91
C LYS A 98 -27.71 4.24 13.09
N GLU A 99 -27.99 4.23 11.79
CA GLU A 99 -27.62 3.09 10.96
C GLU A 99 -26.15 3.04 10.58
N LEU A 100 -25.37 4.06 10.94
CA LEU A 100 -23.97 4.14 10.56
C LEU A 100 -23.10 3.64 11.68
N GLY A 101 -21.93 3.12 11.29
CA GLY A 101 -21.05 2.48 12.23
C GLY A 101 -19.78 3.26 12.54
N THR A 102 -18.74 2.49 12.87
CA THR A 102 -17.57 3.06 13.49
C THR A 102 -16.80 3.97 12.56
N ARG A 103 -16.68 3.62 11.27
CA ARG A 103 -15.91 4.48 10.36
C ARG A 103 -16.53 5.86 10.32
N HIS A 104 -17.86 5.94 10.24
CA HIS A 104 -18.50 7.25 10.18
C HIS A 104 -18.34 8.02 11.48
N ARG A 105 -18.48 7.34 12.63
CA ARG A 105 -18.30 8.03 13.91
C ARG A 105 -16.87 8.50 14.10
N ALA A 106 -15.87 7.73 13.61
CA ALA A 106 -14.48 8.15 13.65
C ALA A 106 -14.25 9.35 12.78
N ALA A 107 -14.84 9.35 11.58
CA ALA A 107 -14.70 10.52 10.68
C ALA A 107 -15.30 11.77 11.30
N VAL A 108 -16.52 11.67 11.83
CA VAL A 108 -17.12 12.84 12.48
C VAL A 108 -16.29 13.27 13.69
N GLY A 109 -15.76 12.29 14.43
CA GLY A 109 -14.99 12.59 15.62
C GLY A 109 -13.73 13.41 15.33
N ILE A 110 -12.95 13.00 14.33
CA ILE A 110 -11.77 13.79 13.99
C ILE A 110 -12.18 15.17 13.47
N SER A 111 -13.30 15.24 12.75
CA SER A 111 -13.76 16.51 12.20
C SER A 111 -14.23 17.49 13.27
N GLU A 112 -14.46 17.03 14.50
CA GLU A 112 -14.88 17.90 15.60
C GLU A 112 -13.70 18.60 16.27
N VAL A 113 -12.48 18.12 16.04
CA VAL A 113 -11.32 18.62 16.76
C VAL A 113 -10.21 19.04 15.80
N THR A 114 -10.51 19.03 14.51
CA THR A 114 -9.56 19.48 13.49
C THR A 114 -10.37 20.13 12.37
N ASP A 115 -9.68 20.87 11.50
CA ASP A 115 -10.28 21.38 10.27
C ASP A 115 -10.13 20.40 9.11
N SER A 116 -9.85 19.13 9.38
CA SER A 116 -9.58 18.19 8.31
C SER A 116 -10.86 17.84 7.55
N LEU A 117 -10.67 17.25 6.37
CA LEU A 117 -11.77 16.72 5.58
C LEU A 117 -11.61 15.20 5.53
N THR A 118 -12.64 14.45 5.91
CA THR A 118 -12.57 12.99 5.86
C THR A 118 -13.62 12.43 4.91
N ILE A 119 -13.20 11.48 4.08
CA ILE A 119 -14.06 10.77 3.15
C ILE A 119 -14.30 9.39 3.72
N ILE A 120 -15.57 8.92 3.68
CA ILE A 120 -15.94 7.59 4.17
C ILE A 120 -16.67 6.87 3.04
N VAL A 121 -16.28 5.59 2.82
CA VAL A 121 -17.09 4.69 1.99
C VAL A 121 -17.70 3.65 2.91
N SER A 122 -19.03 3.46 2.82
CA SER A 122 -19.70 2.50 3.66
C SER A 122 -19.48 1.08 3.14
N GLU A 123 -19.11 0.18 4.04
CA GLU A 123 -19.05 -1.22 3.64
C GLU A 123 -20.42 -1.86 3.49
N GLU A 124 -21.46 -1.22 4.04
CA GLU A 124 -22.80 -1.80 3.92
C GLU A 124 -23.44 -1.46 2.56
N THR A 125 -23.24 -0.23 2.08
CA THR A 125 -23.95 0.26 0.91
C THR A 125 -23.07 0.77 -0.19
N GLY A 126 -21.79 0.98 0.08
CA GLY A 126 -20.94 1.68 -0.86
C GLY A 126 -21.25 3.17 -0.94
N GLY A 127 -22.12 3.71 -0.09
CA GLY A 127 -22.36 5.15 -0.11
C GLY A 127 -21.15 5.92 0.35
N VAL A 128 -21.01 7.13 -0.21
CA VAL A 128 -19.86 7.99 0.06
C VAL A 128 -20.33 9.19 0.85
N SER A 129 -19.58 9.52 1.89
CA SER A 129 -19.88 10.66 2.73
C SER A 129 -18.60 11.41 3.07
N VAL A 130 -18.76 12.65 3.53
CA VAL A 130 -17.64 13.47 3.98
C VAL A 130 -17.96 14.06 5.34
N ALA A 131 -16.98 14.03 6.24
CA ALA A 131 -17.09 14.68 7.54
C ALA A 131 -16.20 15.93 7.57
N LYS A 132 -16.78 17.03 8.02
CA LYS A 132 -16.07 18.31 8.17
C LYS A 132 -16.79 19.10 9.24
N ASN A 133 -16.03 19.69 10.15
CA ASN A 133 -16.60 20.65 11.13
C ASN A 133 -17.65 20.01 12.05
N GLY A 134 -17.62 18.70 12.24
CA GLY A 134 -18.57 18.00 13.07
C GLY A 134 -19.83 17.53 12.37
N ASP A 135 -19.96 17.80 11.08
CA ASP A 135 -21.10 17.33 10.33
C ASP A 135 -20.71 16.26 9.32
N LEU A 136 -21.68 15.39 9.06
CA LEU A 136 -21.53 14.34 8.07
C LEU A 136 -22.44 14.67 6.88
N HIS A 137 -21.85 14.73 5.70
CA HIS A 137 -22.56 14.99 4.46
C HIS A 137 -22.68 13.68 3.69
N ARG A 138 -23.90 13.14 3.64
CA ARG A 138 -24.18 11.81 3.14
C ARG A 138 -24.66 11.83 1.69
N GLU A 139 -24.61 10.66 1.08
CA GLU A 139 -25.30 10.45 -0.17
C GLU A 139 -24.62 11.26 -1.29
N LEU A 140 -23.30 11.28 -1.30
N LEU A 140 -23.30 11.28 -1.30
CA LEU A 140 -22.58 12.09 -2.26
CA LEU A 140 -22.58 12.09 -2.25
C LEU A 140 -22.42 11.37 -3.59
C LEU A 140 -22.41 11.38 -3.58
N THR A 141 -22.52 12.13 -4.67
N THR A 141 -22.51 12.14 -4.67
CA THR A 141 -22.09 11.69 -5.99
CA THR A 141 -22.07 11.70 -5.98
C THR A 141 -20.61 12.03 -6.16
C THR A 141 -20.59 12.04 -6.15
N GLU A 142 -20.01 11.49 -7.23
N GLU A 142 -20.00 11.48 -7.22
CA GLU A 142 -18.63 11.83 -7.56
CA GLU A 142 -18.62 11.83 -7.56
C GLU A 142 -18.48 13.31 -7.82
C GLU A 142 -18.48 13.32 -7.81
N GLU A 143 -19.45 13.92 -8.51
N GLU A 143 -19.45 13.92 -8.51
CA GLU A 143 -19.37 15.35 -8.77
CA GLU A 143 -19.37 15.35 -8.77
C GLU A 143 -19.40 16.14 -7.48
C GLU A 143 -19.40 16.14 -7.48
N ALA A 144 -20.20 15.70 -6.51
CA ALA A 144 -20.28 16.40 -5.23
C ALA A 144 -18.97 16.26 -4.45
N LEU A 145 -18.38 15.06 -4.43
CA LEU A 145 -17.12 14.90 -3.73
C LEU A 145 -16.03 15.76 -4.38
N LYS A 146 -15.95 15.74 -5.72
CA LYS A 146 -14.96 16.57 -6.40
C LYS A 146 -15.14 18.04 -6.02
N GLU A 147 -16.38 18.53 -5.99
CA GLU A 147 -16.62 19.92 -5.61
C GLU A 147 -16.12 20.21 -4.21
N MET A 148 -16.34 19.27 -3.27
CA MET A 148 -15.83 19.46 -1.92
C MET A 148 -14.32 19.49 -1.89
N LEU A 149 -13.66 18.59 -2.64
CA LEU A 149 -12.20 18.57 -2.61
C LEU A 149 -11.62 19.84 -3.21
N GLU A 150 -12.23 20.33 -4.29
CA GLU A 150 -11.73 21.56 -4.92
C GLU A 150 -11.96 22.77 -4.00
N ALA A 151 -13.08 22.80 -3.27
CA ALA A 151 -13.35 23.89 -2.35
C ALA A 151 -12.36 23.85 -1.20
N GLU A 152 -12.03 22.64 -0.77
CA GLU A 152 -11.13 22.46 0.34
C GLU A 152 -9.73 22.90 -0.06
N PRO B 2 24.86 -0.81 17.73
CA PRO B 2 24.87 -0.69 16.27
C PRO B 2 24.53 0.75 15.83
N THR B 3 24.91 1.12 14.61
CA THR B 3 24.60 2.45 14.12
C THR B 3 23.14 2.54 13.69
N PRO B 4 22.62 3.76 13.51
CA PRO B 4 21.26 3.89 12.98
C PRO B 4 21.07 3.20 11.63
N VAL B 5 22.06 3.26 10.75
CA VAL B 5 21.96 2.59 9.45
C VAL B 5 21.83 1.08 9.65
N GLU B 6 22.59 0.54 10.59
CA GLU B 6 22.52 -0.90 10.84
C GLU B 6 21.20 -1.28 11.47
N GLU B 7 20.69 -0.48 12.40
CA GLU B 7 19.39 -0.76 12.99
C GLU B 7 18.28 -0.68 11.96
N ALA B 8 18.34 0.32 11.06
CA ALA B 8 17.34 0.43 10.01
C ALA B 8 17.38 -0.78 9.09
N GLN B 9 18.60 -1.26 8.77
CA GLN B 9 18.71 -2.44 7.94
C GLN B 9 18.07 -3.64 8.62
N GLN B 10 18.27 -3.78 9.92
CA GLN B 10 17.68 -4.92 10.63
C GLN B 10 16.17 -4.81 10.64
N LYS B 11 15.63 -3.60 10.81
CA LYS B 11 14.18 -3.44 10.77
C LYS B 11 13.64 -3.78 9.40
N THR B 12 14.35 -3.37 8.34
CA THR B 12 13.91 -3.70 6.98
C THR B 12 13.93 -5.19 6.72
N ILE B 13 14.97 -5.89 7.18
CA ILE B 13 15.04 -7.35 7.02
C ILE B 13 13.91 -8.01 7.79
N GLU B 14 13.63 -7.56 9.02
CA GLU B 14 12.53 -8.12 9.79
C GLU B 14 11.19 -7.91 9.08
N ALA B 15 10.98 -6.72 8.52
CA ALA B 15 9.74 -6.44 7.79
C ALA B 15 9.59 -7.37 6.60
N ILE B 16 10.66 -7.52 5.79
CA ILE B 16 10.61 -8.39 4.63
C ILE B 16 10.32 -9.82 5.05
N THR B 17 11.07 -10.35 6.01
CA THR B 17 10.90 -11.75 6.34
C THR B 17 9.51 -12.01 6.92
N LYS B 18 8.98 -11.08 7.72
CA LYS B 18 7.65 -11.30 8.25
C LYS B 18 6.63 -11.35 7.12
N ALA B 19 6.77 -10.44 6.13
CA ALA B 19 5.82 -10.42 5.03
C ALA B 19 5.94 -11.68 4.18
N ILE B 20 7.18 -12.09 3.85
CA ILE B 20 7.37 -13.28 3.05
C ILE B 20 6.79 -14.49 3.77
N ASN B 21 7.03 -14.61 5.07
CA ASN B 21 6.52 -15.76 5.81
C ASN B 21 5.00 -15.80 5.76
N TYR B 22 4.36 -14.64 5.95
CA TYR B 22 2.90 -14.57 5.89
C TYR B 22 2.40 -14.98 4.51
N MET B 23 3.03 -14.48 3.45
CA MET B 23 2.58 -14.79 2.11
C MET B 23 2.82 -16.25 1.75
N ALA B 24 3.94 -16.82 2.17
CA ALA B 24 4.24 -18.22 1.87
C ALA B 24 3.19 -19.12 2.49
N LYS B 25 2.81 -18.85 3.76
CA LYS B 25 1.86 -19.70 4.44
C LYS B 25 0.52 -19.69 3.71
N ARG B 26 0.19 -18.58 3.05
CA ARG B 26 -1.11 -18.40 2.41
C ARG B 26 -1.06 -18.56 0.90
N ARG B 27 0.09 -18.94 0.35
CA ARG B 27 0.22 -19.16 -1.10
C ARG B 27 -0.13 -17.87 -1.86
N ILE B 28 0.31 -16.74 -1.31
CA ILE B 28 0.18 -15.46 -1.99
C ILE B 28 1.43 -15.25 -2.82
N GLY B 29 1.27 -15.25 -4.14
CA GLY B 29 2.42 -15.05 -5.01
C GLY B 29 3.04 -13.67 -4.77
N ALA B 30 4.36 -13.60 -4.82
CA ALA B 30 5.04 -12.32 -4.61
C ALA B 30 6.35 -12.31 -5.36
N LEU B 31 6.80 -11.10 -5.70
CA LEU B 31 8.02 -10.88 -6.47
C LEU B 31 8.62 -9.58 -5.96
N LEU B 32 9.74 -9.66 -5.22
CA LEU B 32 10.29 -8.54 -4.45
C LEU B 32 11.78 -8.43 -4.74
N THR B 33 12.18 -7.40 -5.49
CA THR B 33 13.57 -7.18 -5.89
C THR B 33 14.17 -6.08 -5.04
N ILE B 34 15.32 -6.36 -4.45
CA ILE B 34 16.06 -5.43 -3.62
C ILE B 34 17.24 -4.91 -4.45
N GLU B 35 17.19 -3.62 -4.79
CA GLU B 35 18.29 -3.00 -5.52
C GLU B 35 19.55 -3.04 -4.67
N ARG B 36 20.68 -3.29 -5.34
CA ARG B 36 21.97 -3.26 -4.66
C ARG B 36 22.82 -2.18 -5.30
N ASP B 37 23.99 -2.51 -5.83
CA ASP B 37 24.85 -1.47 -6.37
C ASP B 37 24.52 -1.09 -7.81
N THR B 38 23.90 -1.99 -8.57
CA THR B 38 23.47 -1.65 -9.92
C THR B 38 22.11 -0.98 -9.85
N GLY B 39 22.04 0.25 -10.33
CA GLY B 39 20.81 1.00 -10.24
C GLY B 39 19.72 0.39 -11.11
N MET B 40 18.51 0.37 -10.59
CA MET B 40 17.36 -0.18 -11.27
C MET B 40 16.30 0.84 -11.68
N GLY B 41 16.71 2.09 -11.85
CA GLY B 41 15.75 3.12 -12.20
C GLY B 41 14.89 2.78 -13.39
N ASP B 42 15.48 2.19 -14.44
CA ASP B 42 14.73 1.93 -15.66
C ASP B 42 13.55 1.02 -15.35
N TYR B 43 13.75 0.07 -14.43
CA TYR B 43 12.67 -0.87 -14.10
C TYR B 43 11.70 -0.23 -13.10
N ILE B 44 12.23 0.54 -12.14
CA ILE B 44 11.37 1.25 -11.20
C ILE B 44 10.37 2.12 -11.94
N GLU B 45 10.83 2.80 -13.00
CA GLU B 45 9.99 3.74 -13.73
C GLU B 45 8.86 3.06 -14.50
N THR B 46 8.89 1.75 -14.65
CA THR B 46 7.79 1.06 -15.32
C THR B 46 6.59 0.78 -14.42
N GLY B 47 6.75 0.91 -13.10
CA GLY B 47 5.74 0.57 -12.14
C GLY B 47 4.95 1.78 -11.67
N ILE B 48 4.19 1.57 -10.61
CA ILE B 48 3.46 2.66 -9.93
C ILE B 48 4.37 3.20 -8.84
N PRO B 49 4.71 4.50 -8.84
CA PRO B 49 5.61 5.01 -7.81
C PRO B 49 4.96 4.99 -6.45
N LEU B 50 5.71 4.50 -5.45
CA LEU B 50 5.27 4.57 -4.05
C LEU B 50 6.23 5.41 -3.22
N ASN B 51 7.53 5.17 -3.32
CA ASN B 51 8.54 5.81 -2.48
C ASN B 51 8.14 5.78 -1.00
N ALA B 52 7.70 4.59 -0.55
CA ALA B 52 7.11 4.42 0.75
C ALA B 52 8.07 3.80 1.74
N LYS B 53 7.90 4.14 3.01
CA LYS B 53 8.61 3.43 4.05
C LYS B 53 8.23 1.97 4.05
N VAL B 54 9.19 1.08 4.30
CA VAL B 54 8.85 -0.33 4.30
C VAL B 54 8.09 -0.68 5.57
N SER B 55 7.13 -1.60 5.43
CA SER B 55 6.53 -2.28 6.56
C SER B 55 6.10 -3.65 6.06
N SER B 56 6.04 -4.63 6.98
CA SER B 56 5.50 -5.92 6.59
C SER B 56 4.05 -5.75 6.11
N GLU B 57 3.30 -4.86 6.77
CA GLU B 57 1.90 -4.65 6.43
C GLU B 57 1.74 -4.14 4.99
N LEU B 58 2.54 -3.15 4.59
CA LEU B 58 2.39 -2.63 3.22
C LEU B 58 2.81 -3.69 2.22
N LEU B 59 3.90 -4.42 2.49
CA LEU B 59 4.30 -5.47 1.55
C LEU B 59 3.18 -6.48 1.35
N ILE B 60 2.56 -6.93 2.44
CA ILE B 60 1.45 -7.86 2.31
C ILE B 60 0.32 -7.24 1.50
N ASN B 61 -0.10 -6.01 1.86
CA ASN B 61 -1.21 -5.39 1.17
C ASN B 61 -0.96 -5.27 -0.33
N ILE B 62 0.29 -5.03 -0.76
CA ILE B 62 0.60 -4.89 -2.17
C ILE B 62 0.28 -6.15 -2.95
N PHE B 63 0.61 -7.31 -2.39
CA PHE B 63 0.55 -8.55 -3.15
C PHE B 63 -0.78 -9.31 -3.04
N ILE B 64 -1.75 -8.79 -2.31
CA ILE B 64 -3.03 -9.51 -2.22
C ILE B 64 -3.57 -9.80 -3.61
N PRO B 65 -3.96 -11.04 -3.91
CA PRO B 65 -4.41 -11.35 -5.26
C PRO B 65 -5.55 -10.46 -5.76
N ASN B 66 -5.53 -10.21 -7.07
CA ASN B 66 -6.63 -9.55 -7.77
C ASN B 66 -6.77 -8.07 -7.40
N THR B 67 -5.69 -7.44 -6.97
CA THR B 67 -5.67 -6.03 -6.61
C THR B 67 -4.84 -5.21 -7.58
N PRO B 68 -4.99 -3.88 -7.58
CA PRO B 68 -4.25 -3.09 -8.57
C PRO B 68 -2.73 -3.28 -8.55
N LEU B 69 -2.13 -3.50 -7.39
CA LEU B 69 -0.67 -3.49 -7.28
C LEU B 69 -0.02 -4.88 -7.33
N HIS B 70 -0.81 -5.95 -7.40
CA HIS B 70 -0.21 -7.26 -7.13
C HIS B 70 0.58 -7.90 -8.26
N ASP B 71 0.36 -7.51 -9.50
CA ASP B 71 1.00 -8.15 -10.64
C ASP B 71 2.21 -7.35 -11.09
N GLY B 72 3.35 -7.97 -11.01
CA GLY B 72 4.60 -7.34 -11.29
C GLY B 72 5.44 -7.31 -10.03
N ALA B 73 6.60 -6.71 -10.16
CA ALA B 73 7.58 -6.71 -9.08
C ALA B 73 7.45 -5.47 -8.22
N VAL B 74 7.62 -5.67 -6.92
CA VAL B 74 8.00 -4.58 -6.03
C VAL B 74 9.50 -4.41 -6.10
N ILE B 75 9.98 -3.16 -6.23
CA ILE B 75 11.40 -2.87 -6.21
C ILE B 75 11.69 -2.00 -5.02
N MET B 76 12.60 -2.46 -4.16
CA MET B 76 13.01 -1.75 -2.95
C MET B 76 14.37 -1.10 -3.17
N LYS B 77 14.50 0.11 -2.62
CA LYS B 77 15.77 0.82 -2.57
C LYS B 77 16.00 1.10 -1.09
N ASN B 78 17.01 0.44 -0.52
CA ASN B 78 17.38 0.55 0.88
C ASN B 78 16.15 0.27 1.74
N ASN B 79 15.70 1.25 2.50
CA ASN B 79 14.59 1.07 3.41
C ASN B 79 13.26 1.56 2.84
N GLU B 80 13.16 1.68 1.52
CA GLU B 80 11.95 2.19 0.89
C GLU B 80 11.45 1.25 -0.19
N ILE B 81 10.12 1.16 -0.29
CA ILE B 81 9.49 0.52 -1.43
C ILE B 81 9.39 1.59 -2.52
N ALA B 82 10.25 1.49 -3.55
CA ALA B 82 10.29 2.51 -4.60
C ALA B 82 9.04 2.46 -5.49
N ALA B 83 8.66 1.28 -5.94
CA ALA B 83 7.54 1.15 -6.87
C ALA B 83 6.99 -0.26 -6.79
N ALA B 84 5.74 -0.41 -7.21
CA ALA B 84 5.10 -1.72 -7.32
C ALA B 84 4.62 -1.94 -8.74
N ALA B 85 4.28 -3.19 -9.06
CA ALA B 85 3.78 -3.56 -10.38
C ALA B 85 4.78 -3.21 -11.49
N CYS B 86 6.05 -3.44 -11.21
CA CYS B 86 7.12 -3.15 -12.16
C CYS B 86 7.38 -4.32 -13.11
N TYR B 87 7.80 -3.97 -14.32
CA TYR B 87 8.29 -4.93 -15.30
C TYR B 87 9.74 -5.32 -14.99
N LEU B 88 10.05 -6.60 -15.11
CA LEU B 88 11.39 -7.13 -15.13
C LEU B 88 11.52 -8.00 -16.37
N PRO B 89 12.74 -8.13 -16.91
CA PRO B 89 12.93 -8.95 -18.12
C PRO B 89 12.87 -10.43 -17.76
N LEU B 90 12.32 -11.23 -18.67
CA LEU B 90 12.23 -12.67 -18.46
C LEU B 90 13.50 -13.40 -18.88
N SER B 91 14.02 -14.23 -17.97
CA SER B 91 15.17 -15.06 -18.27
C SER B 91 14.77 -16.18 -19.21
N GLU B 92 15.72 -16.57 -20.06
CA GLU B 92 15.61 -17.74 -20.90
C GLU B 92 16.49 -18.87 -20.38
N SER B 93 16.99 -18.75 -19.15
CA SER B 93 17.92 -19.77 -18.64
C SER B 93 17.27 -21.14 -18.64
N PRO B 94 18.00 -22.18 -19.05
CA PRO B 94 17.46 -23.55 -19.00
C PRO B 94 17.49 -24.16 -17.61
N PHE B 95 18.05 -23.46 -16.61
CA PHE B 95 18.15 -23.95 -15.24
C PHE B 95 16.99 -23.46 -14.38
N ILE B 96 15.94 -22.94 -15.01
CA ILE B 96 14.71 -22.58 -14.31
C ILE B 96 13.78 -23.78 -14.44
N SER B 97 13.36 -24.36 -13.30
CA SER B 97 12.52 -25.55 -13.31
C SER B 97 11.33 -25.31 -14.25
N LYS B 98 11.03 -26.31 -15.10
CA LYS B 98 10.08 -26.10 -16.17
C LYS B 98 8.69 -25.76 -15.66
N GLU B 99 8.33 -26.20 -14.44
CA GLU B 99 6.98 -25.95 -13.95
C GLU B 99 6.77 -24.52 -13.45
N LEU B 100 7.84 -23.74 -13.32
CA LEU B 100 7.71 -22.42 -12.74
C LEU B 100 7.23 -21.41 -13.77
N GLY B 101 6.55 -20.39 -13.26
CA GLY B 101 5.91 -19.39 -14.08
C GLY B 101 6.67 -18.08 -14.20
N THR B 102 5.93 -17.05 -14.56
CA THR B 102 6.55 -15.80 -14.98
C THR B 102 7.25 -15.09 -13.82
N ARG B 103 6.77 -15.23 -12.57
CA ARG B 103 7.44 -14.50 -11.49
C ARG B 103 8.89 -15.00 -11.33
N HIS B 104 9.10 -16.32 -11.39
CA HIS B 104 10.45 -16.85 -11.23
C HIS B 104 11.31 -16.49 -12.42
N ARG B 105 10.76 -16.50 -13.63
CA ARG B 105 11.55 -16.16 -14.81
C ARG B 105 11.92 -14.68 -14.80
N ALA B 106 11.00 -13.80 -14.34
CA ALA B 106 11.31 -12.37 -14.21
C ALA B 106 12.41 -12.15 -13.17
N ALA B 107 12.33 -12.88 -12.05
CA ALA B 107 13.34 -12.76 -11.00
C ALA B 107 14.72 -13.16 -11.52
N VAL B 108 14.82 -14.33 -12.15
CA VAL B 108 16.12 -14.70 -12.69
C VAL B 108 16.56 -13.68 -13.74
N GLY B 109 15.61 -13.17 -14.55
CA GLY B 109 15.93 -12.22 -15.59
C GLY B 109 16.59 -10.96 -15.07
N ILE B 110 16.04 -10.36 -14.02
CA ILE B 110 16.64 -9.14 -13.48
C ILE B 110 17.99 -9.48 -12.85
N SER B 111 18.11 -10.69 -12.27
CA SER B 111 19.37 -11.08 -11.63
C SER B 111 20.50 -11.32 -12.61
N GLU B 112 20.20 -11.45 -13.92
CA GLU B 112 21.23 -11.62 -14.93
C GLU B 112 21.85 -10.29 -15.38
N VAL B 113 21.22 -9.15 -15.08
CA VAL B 113 21.67 -7.86 -15.58
C VAL B 113 21.85 -6.86 -14.45
N THR B 114 21.71 -7.32 -13.21
CA THR B 114 21.99 -6.52 -12.03
C THR B 114 22.57 -7.41 -10.95
N ASP B 115 23.09 -6.77 -9.89
CA ASP B 115 23.51 -7.44 -8.67
C ASP B 115 22.39 -7.49 -7.61
N SER B 116 21.13 -7.28 -8.01
CA SER B 116 20.04 -7.25 -7.06
C SER B 116 19.76 -8.64 -6.52
N LEU B 117 19.03 -8.68 -5.41
CA LEU B 117 18.55 -9.92 -4.82
C LEU B 117 17.05 -9.90 -4.95
N THR B 118 16.45 -10.94 -5.55
CA THR B 118 15.01 -11.01 -5.71
C THR B 118 14.45 -12.21 -4.97
N ILE B 119 13.40 -11.98 -4.19
CA ILE B 119 12.67 -13.02 -3.48
C ILE B 119 11.39 -13.33 -4.22
N ILE B 120 11.03 -14.62 -4.35
CA ILE B 120 9.81 -15.04 -5.01
C ILE B 120 9.04 -15.95 -4.05
N VAL B 121 7.74 -15.73 -3.93
CA VAL B 121 6.83 -16.68 -3.29
C VAL B 121 5.97 -17.30 -4.37
N SER B 122 5.99 -18.65 -4.45
CA SER B 122 5.15 -19.34 -5.43
C SER B 122 3.69 -19.36 -5.00
N GLU B 123 2.79 -18.96 -5.89
CA GLU B 123 1.36 -19.07 -5.61
C GLU B 123 0.85 -20.49 -5.74
N GLU B 124 1.66 -21.39 -6.27
CA GLU B 124 1.28 -22.79 -6.41
C GLU B 124 1.62 -23.60 -5.17
N THR B 125 2.84 -23.43 -4.66
CA THR B 125 3.30 -24.27 -3.59
C THR B 125 3.55 -23.53 -2.30
N GLY B 126 3.61 -22.19 -2.33
CA GLY B 126 4.07 -21.42 -1.19
C GLY B 126 5.58 -21.43 -0.99
N GLY B 127 6.32 -22.14 -1.84
CA GLY B 127 7.76 -22.18 -1.68
C GLY B 127 8.38 -20.81 -1.90
N VAL B 128 9.48 -20.58 -1.20
CA VAL B 128 10.22 -19.32 -1.25
C VAL B 128 11.54 -19.55 -1.95
N SER B 129 11.86 -18.69 -2.90
CA SER B 129 13.10 -18.80 -3.64
C SER B 129 13.77 -17.43 -3.72
N VAL B 130 15.06 -17.43 -4.06
CA VAL B 130 15.81 -16.20 -4.30
C VAL B 130 16.56 -16.33 -5.62
N ALA B 131 16.56 -15.25 -6.40
CA ALA B 131 17.35 -15.14 -7.61
C ALA B 131 18.46 -14.15 -7.42
N LYS B 132 19.68 -14.57 -7.76
CA LYS B 132 20.85 -13.73 -7.61
C LYS B 132 21.88 -14.20 -8.61
N ASN B 133 22.44 -13.25 -9.37
CA ASN B 133 23.53 -13.55 -10.30
C ASN B 133 23.19 -14.67 -11.28
N GLY B 134 21.94 -14.69 -11.75
CA GLY B 134 21.52 -15.63 -12.76
C GLY B 134 21.13 -17.00 -12.25
N ASP B 135 21.20 -17.24 -10.96
CA ASP B 135 20.84 -18.50 -10.34
C ASP B 135 19.57 -18.38 -9.51
N LEU B 136 18.76 -19.43 -9.54
CA LEU B 136 17.58 -19.52 -8.69
C LEU B 136 17.83 -20.56 -7.60
N HIS B 137 17.63 -20.15 -6.34
CA HIS B 137 17.79 -21.01 -5.16
C HIS B 137 16.41 -21.23 -4.55
N ARG B 138 15.94 -22.48 -4.62
CA ARG B 138 14.56 -22.80 -4.31
C ARG B 138 14.37 -23.40 -2.92
N GLU B 139 13.11 -23.40 -2.47
CA GLU B 139 12.68 -24.10 -1.27
C GLU B 139 13.45 -23.67 -0.02
N LEU B 140 13.58 -22.36 0.15
CA LEU B 140 14.34 -21.82 1.26
C LEU B 140 13.56 -21.91 2.55
N THR B 141 14.25 -22.25 3.62
CA THR B 141 13.69 -22.12 4.95
C THR B 141 13.67 -20.65 5.37
N GLU B 142 12.89 -20.36 6.40
CA GLU B 142 12.87 -18.99 6.89
C GLU B 142 14.27 -18.57 7.34
N GLU B 143 14.98 -19.47 8.02
CA GLU B 143 16.31 -19.17 8.50
C GLU B 143 17.25 -18.87 7.34
N ALA B 144 17.15 -19.64 6.27
CA ALA B 144 18.05 -19.47 5.13
C ALA B 144 17.79 -18.12 4.44
N LEU B 145 16.52 -17.74 4.31
CA LEU B 145 16.22 -16.45 3.71
C LEU B 145 16.80 -15.31 4.55
N LYS B 146 16.58 -15.35 5.87
CA LYS B 146 17.06 -14.28 6.73
C LYS B 146 18.58 -14.16 6.67
N GLU B 147 19.27 -15.31 6.66
CA GLU B 147 20.72 -15.27 6.56
C GLU B 147 21.16 -14.70 5.21
N MET B 148 20.45 -15.04 4.13
CA MET B 148 20.84 -14.49 2.84
C MET B 148 20.68 -12.98 2.83
N LEU B 149 19.58 -12.50 3.41
CA LEU B 149 19.36 -11.05 3.50
C LEU B 149 20.40 -10.39 4.38
N GLU B 150 20.70 -10.98 5.54
CA GLU B 150 21.70 -10.38 6.41
C GLU B 150 23.05 -10.31 5.72
N ALA B 151 23.40 -11.35 4.95
CA ALA B 151 24.68 -11.35 4.24
C ALA B 151 24.67 -10.33 3.12
N GLU B 152 23.54 -10.17 2.44
CA GLU B 152 23.43 -9.20 1.36
C GLU B 152 23.60 -7.79 1.92
#